data_7ERA
#
_entry.id   7ERA
#
_cell.length_a   81.976
_cell.length_b   117.225
_cell.length_c   41.466
_cell.angle_alpha   90.000
_cell.angle_beta   90.000
_cell.angle_gamma   90.000
#
_symmetry.space_group_name_H-M   'P 21 21 2'
#
loop_
_entity.id
_entity.type
_entity.pdbx_description
1 polymer 'Flavin reductase (NADPH)'
2 non-polymer 'NADP NICOTINAMIDE-ADENINE-DINUCLEOTIDE PHOSPHATE'
3 non-polymer '5-[(E)-(3-carboxy-4-oxidanyl-phenyl)diazenyl]-2-oxidanyl-benzoic acid'
4 non-polymer 'SULFATE ION'
5 water water
#
_entity_poly.entity_id   1
_entity_poly.type   'polypeptide(L)'
_entity_poly.pdbx_seq_one_letter_code
;HMAVKKIAIFGATGQTGLTTLAQAVQAGYEVTVLVRDSSRLPSEGPRPAHVVVGDVLQAADVDKTVAGQDAVIVLLGTRN
DLSPTTVMSEGARNIVAAMKAHGVDKVVACTSAFLLWDPTKVPPRLQAVTDDHIRMHKVLRESGLKYVAVMPPHIGDQPL
TGAYTVTLDGRGPSRVISKHDLGHFMLRCLTTDEYDGHSTYPSHQYQ
;
_entity_poly.pdbx_strand_id   A,B
#
loop_
_chem_comp.id
_chem_comp.type
_chem_comp.name
_chem_comp.formula
JBC non-polymer '5-[(E)-(3-carboxy-4-oxidanyl-phenyl)diazenyl]-2-oxidanyl-benzoic acid' 'C14 H10 N2 O6'
NAP non-polymer 'NADP NICOTINAMIDE-ADENINE-DINUCLEOTIDE PHOSPHATE' 'C21 H28 N7 O17 P3'
SO4 non-polymer 'SULFATE ION' 'O4 S -2'
#
# COMPACT_ATOMS: atom_id res chain seq x y z
N MET A 2 29.27 5.42 20.28
CA MET A 2 28.97 6.12 19.03
C MET A 2 27.56 6.78 19.00
N ALA A 3 27.37 7.75 18.10
CA ALA A 3 26.06 8.40 17.92
C ALA A 3 24.96 7.38 17.68
N VAL A 4 25.07 6.58 16.62
CA VAL A 4 24.20 5.43 16.49
C VAL A 4 24.92 4.22 17.04
N LYS A 5 24.37 3.60 18.09
CA LYS A 5 24.97 2.40 18.69
C LYS A 5 24.01 1.23 18.78
N LYS A 6 22.77 1.46 19.21
CA LYS A 6 21.76 0.37 19.35
C LYS A 6 20.91 0.35 18.10
N ILE A 7 20.91 -0.78 17.41
CA ILE A 7 20.07 -0.93 16.22
C ILE A 7 19.23 -2.20 16.30
N ALA A 8 18.04 -2.13 15.72
CA ALA A 8 17.24 -3.35 15.47
C ALA A 8 17.46 -3.75 14.02
N ILE A 9 17.66 -5.05 13.78
CA ILE A 9 17.69 -5.62 12.44
C ILE A 9 16.53 -6.60 12.34
N PHE A 10 15.64 -6.34 11.39
CA PHE A 10 14.58 -7.25 10.97
C PHE A 10 15.07 -8.04 9.77
N GLY A 11 14.95 -9.36 9.79
CA GLY A 11 15.49 -10.19 8.72
C GLY A 11 16.95 -10.53 8.90
N ALA A 12 17.43 -10.57 10.16
CA ALA A 12 18.84 -10.87 10.41
C ALA A 12 19.24 -12.30 10.01
N THR A 13 18.29 -13.26 10.01
CA THR A 13 18.67 -14.61 9.62
C THR A 13 18.75 -14.83 8.11
N GLY A 14 18.35 -13.83 7.34
CA GLY A 14 18.26 -13.98 5.91
C GLY A 14 19.60 -13.81 5.18
N GLN A 15 19.58 -13.97 3.88
CA GLN A 15 20.82 -13.92 3.09
C GLN A 15 21.63 -12.64 3.33
N THR A 16 20.95 -11.49 3.24
CA THR A 16 21.64 -10.23 3.47
C THR A 16 21.74 -9.95 4.96
N GLY A 17 20.70 -10.34 5.71
CA GLY A 17 20.73 -10.07 7.15
C GLY A 17 21.91 -10.72 7.87
N LEU A 18 22.31 -11.95 7.48
CA LEU A 18 23.37 -12.61 8.26
C LEU A 18 24.68 -11.85 8.13
N THR A 19 25.00 -11.36 6.91
CA THR A 19 26.25 -10.59 6.75
C THR A 19 26.13 -9.20 7.31
N THR A 20 24.93 -8.60 7.29
CA THR A 20 24.74 -7.29 7.90
C THR A 20 24.95 -7.40 9.39
N LEU A 21 24.36 -8.45 10.01
CA LEU A 21 24.57 -8.64 11.43
C LEU A 21 26.04 -8.85 11.74
N ALA A 22 26.75 -9.71 10.98
CA ALA A 22 28.17 -9.92 11.25
C ALA A 22 28.97 -8.63 11.16
N GLN A 23 28.72 -7.83 10.11
CA GLN A 23 29.43 -6.55 9.97
C GLN A 23 29.06 -5.59 11.09
N ALA A 24 27.79 -5.58 11.50
CA ALA A 24 27.40 -4.64 12.55
C ALA A 24 28.04 -5.00 13.88
N VAL A 25 28.06 -6.28 14.24
CA VAL A 25 28.70 -6.67 15.48
C VAL A 25 30.19 -6.34 15.44
N GLN A 26 30.86 -6.59 14.30
CA GLN A 26 32.28 -6.25 14.19
C GLN A 26 32.52 -4.75 14.33
N ALA A 27 31.60 -3.93 13.84
CA ALA A 27 31.73 -2.48 13.89
C ALA A 27 31.36 -1.90 15.25
N GLY A 28 30.93 -2.72 16.20
CA GLY A 28 30.68 -2.23 17.53
C GLY A 28 29.23 -1.89 17.84
N TYR A 29 28.30 -2.22 16.95
CA TYR A 29 26.90 -1.94 17.24
C TYR A 29 26.37 -2.91 18.30
N GLU A 30 25.42 -2.44 19.09
CA GLU A 30 24.66 -3.27 20.02
C GLU A 30 23.37 -3.63 19.29
N VAL A 31 23.29 -4.86 18.77
CA VAL A 31 22.25 -5.24 17.84
C VAL A 31 21.16 -6.03 18.54
N THR A 32 19.90 -5.67 18.28
CA THR A 32 18.72 -6.45 18.66
C THR A 32 18.17 -7.04 17.39
N VAL A 33 17.84 -8.33 17.42
CA VAL A 33 17.22 -8.98 16.28
C VAL A 33 15.85 -9.50 16.68
N LEU A 34 14.95 -9.51 15.69
CA LEU A 34 13.69 -10.25 15.82
C LEU A 34 13.82 -11.51 14.96
N VAL A 35 13.68 -12.69 15.59
CA VAL A 35 13.78 -13.96 14.87
C VAL A 35 12.49 -14.75 15.10
N ARG A 36 12.03 -15.43 14.06
CA ARG A 36 10.92 -16.36 14.21
C ARG A 36 11.37 -17.59 15.00
N ASP A 37 10.44 -18.14 15.76
CA ASP A 37 10.79 -19.19 16.73
C ASP A 37 11.51 -20.35 16.05
N SER A 38 11.06 -20.71 14.84
CA SER A 38 11.58 -21.87 14.11
C SER A 38 12.93 -21.60 13.46
N SER A 39 13.38 -20.36 13.40
CA SER A 39 14.55 -20.00 12.60
C SER A 39 15.41 -19.01 13.40
N ARG A 40 16.18 -19.54 14.32
CA ARG A 40 17.13 -18.77 15.11
C ARG A 40 18.44 -18.57 14.34
N LEU A 41 19.25 -17.64 14.84
CA LEU A 41 20.57 -17.43 14.25
C LEU A 41 21.46 -18.65 14.43
N PRO A 42 22.32 -18.93 13.47
CA PRO A 42 23.20 -20.10 13.59
C PRO A 42 24.10 -20.02 14.82
N SER A 43 24.37 -21.20 15.38
CA SER A 43 25.07 -21.35 16.65
C SER A 43 26.47 -20.74 16.60
N GLU A 44 27.23 -21.05 15.57
CA GLU A 44 28.64 -20.71 15.57
C GLU A 44 28.91 -19.27 15.11
N GLY A 45 27.87 -18.54 14.71
CA GLY A 45 28.04 -17.24 14.11
C GLY A 45 28.08 -16.09 15.09
N PRO A 46 28.23 -14.88 14.58
CA PRO A 46 28.21 -13.69 15.44
C PRO A 46 26.94 -13.62 16.29
N ARG A 47 27.14 -13.27 17.56
CA ARG A 47 25.99 -13.19 18.44
C ARG A 47 25.53 -11.74 18.59
N PRO A 48 24.25 -11.44 18.41
CA PRO A 48 23.75 -10.09 18.71
C PRO A 48 23.68 -9.87 20.22
N ALA A 49 23.44 -8.62 20.58
CA ALA A 49 23.30 -8.26 21.99
C ALA A 49 21.97 -8.69 22.60
N HIS A 50 20.88 -8.68 21.81
CA HIS A 50 19.55 -8.97 22.31
C HIS A 50 18.81 -9.73 21.23
N VAL A 51 18.03 -10.71 21.64
CA VAL A 51 17.18 -11.50 20.73
C VAL A 51 15.74 -11.41 21.22
N VAL A 52 14.86 -11.01 20.35
CA VAL A 52 13.42 -11.14 20.53
C VAL A 52 12.98 -12.27 19.63
N VAL A 53 12.22 -13.22 20.19
CA VAL A 53 11.64 -14.30 19.41
C VAL A 53 10.18 -13.95 19.16
N GLY A 54 9.79 -13.98 17.89
CA GLY A 54 8.42 -13.63 17.55
C GLY A 54 8.30 -13.36 16.07
N ASP A 55 7.32 -12.53 15.70
CA ASP A 55 6.95 -12.40 14.32
C ASP A 55 6.73 -10.94 13.99
N VAL A 56 7.21 -10.52 12.83
CA VAL A 56 7.00 -9.13 12.43
C VAL A 56 5.54 -8.78 12.20
N LEU A 57 4.67 -9.78 12.12
CA LEU A 57 3.25 -9.51 11.94
C LEU A 57 2.57 -9.26 13.29
N GLN A 58 3.26 -9.43 14.41
CA GLN A 58 2.73 -9.13 15.75
C GLN A 58 3.23 -7.79 16.24
N ALA A 59 2.33 -6.80 16.37
CA ALA A 59 2.71 -5.51 16.90
C ALA A 59 3.48 -5.63 18.19
N ALA A 60 3.08 -6.53 19.08
CA ALA A 60 3.77 -6.64 20.36
C ALA A 60 5.23 -7.02 20.16
N ASP A 61 5.51 -7.94 19.25
CA ASP A 61 6.88 -8.39 19.04
C ASP A 61 7.71 -7.30 18.38
N VAL A 62 7.11 -6.58 17.43
CA VAL A 62 7.85 -5.47 16.80
C VAL A 62 8.11 -4.37 17.82
N ASP A 63 7.11 -4.05 18.66
CA ASP A 63 7.31 -3.05 19.71
CA ASP A 63 7.32 -3.04 19.70
C ASP A 63 8.51 -3.41 20.58
N LYS A 64 8.59 -4.70 20.99
CA LYS A 64 9.70 -5.13 21.86
C LYS A 64 11.04 -4.97 21.18
N THR A 65 11.08 -5.15 19.87
CA THR A 65 12.33 -5.08 19.12
C THR A 65 12.75 -3.64 18.88
N VAL A 66 11.79 -2.74 18.65
CA VAL A 66 12.10 -1.35 18.34
C VAL A 66 12.39 -0.52 19.58
N ALA A 67 11.81 -0.86 20.72
CA ALA A 67 11.98 -0.06 21.94
C ALA A 67 13.46 0.16 22.25
N GLY A 68 13.82 1.39 22.53
CA GLY A 68 15.17 1.70 23.01
C GLY A 68 16.24 1.78 21.94
N GLN A 69 15.92 1.60 20.67
CA GLN A 69 16.93 1.66 19.60
C GLN A 69 17.23 3.07 19.14
N ASP A 70 18.40 3.21 18.47
CA ASP A 70 18.75 4.43 17.77
C ASP A 70 18.27 4.42 16.32
N ALA A 71 18.10 3.26 15.71
CA ALA A 71 17.77 3.14 14.29
C ALA A 71 17.33 1.72 14.00
N VAL A 72 16.70 1.55 12.83
CA VAL A 72 16.16 0.27 12.41
C VAL A 72 16.65 -0.09 11.00
N ILE A 73 17.11 -1.31 10.79
CA ILE A 73 17.42 -1.83 9.45
C ILE A 73 16.39 -2.92 9.15
N VAL A 74 15.84 -2.91 7.94
CA VAL A 74 14.80 -3.84 7.51
C VAL A 74 15.29 -4.61 6.28
N LEU A 75 15.44 -5.94 6.44
CA LEU A 75 15.88 -6.88 5.43
C LEU A 75 14.91 -8.06 5.45
N LEU A 76 13.63 -7.75 5.60
CA LEU A 76 12.58 -8.77 5.47
C LEU A 76 12.44 -9.27 4.03
N GLY A 77 11.97 -10.52 3.89
CA GLY A 77 11.78 -11.09 2.58
C GLY A 77 11.13 -12.43 2.76
N THR A 78 10.94 -13.12 1.64
CA THR A 78 10.17 -14.37 1.68
C THR A 78 10.99 -15.55 1.23
N ARG A 79 12.32 -15.43 1.30
CA ARG A 79 13.31 -16.42 0.84
C ARG A 79 12.97 -16.90 -0.57
N ASN A 80 12.92 -18.19 -0.84
CA ASN A 80 12.78 -18.36 -2.29
C ASN A 80 11.35 -18.12 -2.80
N ASP A 81 10.39 -17.79 -1.93
CA ASP A 81 8.98 -18.00 -2.25
C ASP A 81 8.41 -16.76 -2.96
N LEU A 82 7.93 -16.96 -4.15
CA LEU A 82 7.47 -15.88 -5.01
C LEU A 82 5.97 -15.70 -4.92
N SER A 83 5.31 -16.36 -3.97
CA SER A 83 3.85 -16.27 -3.85
C SER A 83 3.39 -14.85 -3.44
N PRO A 84 2.13 -14.51 -3.78
CA PRO A 84 1.52 -13.28 -3.20
C PRO A 84 1.67 -13.22 -1.69
N THR A 85 2.00 -12.04 -1.21
CA THR A 85 2.34 -11.87 0.20
C THR A 85 2.12 -10.41 0.59
N THR A 86 1.85 -10.21 1.89
CA THR A 86 1.86 -8.87 2.49
C THR A 86 2.82 -8.81 3.68
N VAL A 87 3.69 -9.80 3.86
CA VAL A 87 4.48 -9.83 5.07
C VAL A 87 5.39 -8.62 5.18
N MET A 88 5.94 -8.15 4.06
CA MET A 88 6.86 -7.01 4.11
C MET A 88 6.11 -5.72 4.40
N SER A 89 4.99 -5.50 3.70
CA SER A 89 4.25 -4.25 3.91
C SER A 89 3.60 -4.24 5.28
N GLU A 90 3.00 -5.36 5.74
CA GLU A 90 2.37 -5.35 7.06
C GLU A 90 3.44 -5.30 8.14
N GLY A 91 4.58 -5.94 7.93
CA GLY A 91 5.68 -5.80 8.86
C GLY A 91 6.13 -4.36 8.96
N ALA A 92 6.22 -3.69 7.81
CA ALA A 92 6.59 -2.27 7.80
C ALA A 92 5.56 -1.41 8.52
N ARG A 93 4.26 -1.73 8.40
CA ARG A 93 3.27 -0.96 9.14
C ARG A 93 3.50 -1.10 10.64
N ASN A 94 3.82 -2.31 11.08
CA ASN A 94 4.11 -2.49 12.52
C ASN A 94 5.38 -1.74 12.92
N ILE A 95 6.41 -1.81 12.08
CA ILE A 95 7.66 -1.15 12.40
C ILE A 95 7.44 0.36 12.50
N VAL A 96 6.69 0.94 11.54
CA VAL A 96 6.42 2.38 11.58
C VAL A 96 5.69 2.74 12.87
N ALA A 97 4.65 1.98 13.22
CA ALA A 97 3.88 2.32 14.40
C ALA A 97 4.75 2.25 15.65
N ALA A 98 5.62 1.22 15.74
CA ALA A 98 6.52 1.10 16.89
C ALA A 98 7.56 2.22 16.94
N MET A 99 8.13 2.58 15.78
CA MET A 99 9.09 3.69 15.75
C MET A 99 8.46 4.98 16.20
N LYS A 100 7.23 5.27 15.74
CA LYS A 100 6.57 6.49 16.20
C LYS A 100 6.29 6.44 17.70
N ALA A 101 5.84 5.29 18.20
CA ALA A 101 5.49 5.22 19.62
C ALA A 101 6.71 5.33 20.51
N HIS A 102 7.88 4.92 20.01
CA HIS A 102 9.10 4.86 20.81
C HIS A 102 10.12 5.93 20.46
N GLY A 103 9.77 6.87 19.59
CA GLY A 103 10.66 7.98 19.30
C GLY A 103 11.89 7.60 18.51
N VAL A 104 11.82 6.59 17.66
CA VAL A 104 12.90 6.24 16.76
C VAL A 104 12.54 6.80 15.38
N ASP A 105 13.51 7.44 14.71
CA ASP A 105 13.25 8.16 13.46
CA ASP A 105 13.22 8.14 13.46
C ASP A 105 13.87 7.50 12.24
N LYS A 106 15.04 6.89 12.39
CA LYS A 106 15.81 6.42 11.24
C LYS A 106 15.46 4.98 10.90
N VAL A 107 15.02 4.75 9.66
CA VAL A 107 14.73 3.41 9.16
C VAL A 107 15.36 3.26 7.78
N VAL A 108 16.20 2.25 7.65
CA VAL A 108 16.88 1.95 6.37
C VAL A 108 16.29 0.63 5.93
N ALA A 109 15.52 0.61 4.87
CA ALA A 109 14.69 -0.56 4.53
C ALA A 109 14.90 -0.99 3.08
N CYS A 110 15.07 -2.30 2.87
CA CYS A 110 15.37 -2.84 1.56
C CYS A 110 14.08 -3.28 0.86
N THR A 111 13.85 -2.76 -0.34
CA THR A 111 12.80 -3.27 -1.23
C THR A 111 13.52 -3.82 -2.46
N SER A 112 13.47 -3.15 -3.62
CA SER A 112 14.00 -3.73 -4.83
C SER A 112 14.14 -2.66 -5.89
N ALA A 113 15.18 -2.79 -6.74
CA ALA A 113 15.32 -1.93 -7.89
C ALA A 113 14.14 -2.00 -8.85
N PHE A 114 13.29 -3.08 -8.78
CA PHE A 114 12.15 -3.13 -9.70
C PHE A 114 11.20 -1.95 -9.44
N LEU A 115 11.29 -1.31 -8.27
CA LEU A 115 10.48 -0.11 -8.00
C LEU A 115 10.94 1.05 -8.87
N LEU A 116 12.13 0.93 -9.50
CA LEU A 116 12.62 1.95 -10.42
C LEU A 116 12.60 1.49 -11.86
N TRP A 117 12.05 0.30 -12.13
CA TRP A 117 11.96 -0.20 -13.49
C TRP A 117 10.68 0.28 -14.15
N ASP A 118 10.71 0.32 -15.47
CA ASP A 118 9.46 0.40 -16.19
C ASP A 118 8.64 -0.82 -15.80
N PRO A 119 7.40 -0.66 -15.34
CA PRO A 119 6.64 -1.82 -14.88
C PRO A 119 6.41 -2.88 -15.94
N THR A 120 6.39 -2.51 -17.22
CA THR A 120 6.23 -3.48 -18.29
C THR A 120 7.44 -4.41 -18.41
N LYS A 121 8.54 -4.10 -17.75
CA LYS A 121 9.71 -4.93 -17.88
C LYS A 121 9.96 -5.80 -16.65
N VAL A 122 9.22 -5.58 -15.57
CA VAL A 122 9.44 -6.40 -14.35
C VAL A 122 9.11 -7.85 -14.68
N PRO A 123 9.95 -8.82 -14.36
CA PRO A 123 9.62 -10.20 -14.71
C PRO A 123 8.33 -10.64 -14.03
N PRO A 124 7.37 -11.18 -14.79
CA PRO A 124 6.10 -11.55 -14.15
C PRO A 124 6.28 -12.50 -12.97
N ARG A 125 7.27 -13.39 -12.97
CA ARG A 125 7.43 -14.29 -11.84
C ARG A 125 7.69 -13.55 -10.54
N LEU A 126 8.19 -12.32 -10.60
CA LEU A 126 8.53 -11.50 -9.45
C LEU A 126 7.52 -10.39 -9.22
N GLN A 127 6.38 -10.40 -9.92
CA GLN A 127 5.45 -9.30 -9.76
C GLN A 127 4.72 -9.35 -8.41
N ALA A 128 4.43 -10.55 -7.90
CA ALA A 128 3.70 -10.62 -6.62
C ALA A 128 4.57 -10.10 -5.47
N VAL A 129 5.84 -10.44 -5.44
CA VAL A 129 6.76 -9.92 -4.44
C VAL A 129 6.97 -8.43 -4.66
N THR A 130 7.11 -8.01 -5.91
CA THR A 130 7.30 -6.58 -6.18
C THR A 130 6.08 -5.79 -5.73
N ASP A 131 4.87 -6.34 -5.93
CA ASP A 131 3.68 -5.63 -5.45
C ASP A 131 3.75 -5.38 -3.95
N ASP A 132 4.27 -6.32 -3.18
CA ASP A 132 4.40 -6.06 -1.75
C ASP A 132 5.54 -5.10 -1.44
N HIS A 133 6.67 -5.16 -2.16
CA HIS A 133 7.67 -4.10 -2.03
C HIS A 133 7.08 -2.70 -2.29
N ILE A 134 6.22 -2.57 -3.30
CA ILE A 134 5.58 -1.30 -3.59
C ILE A 134 4.72 -0.86 -2.42
N ARG A 135 3.94 -1.81 -1.85
CA ARG A 135 3.12 -1.51 -0.68
C ARG A 135 3.99 -1.08 0.49
N MET A 136 5.12 -1.77 0.68
CA MET A 136 6.01 -1.48 1.78
C MET A 136 6.62 -0.10 1.63
N HIS A 137 7.12 0.22 0.43
CA HIS A 137 7.71 1.52 0.20
C HIS A 137 6.69 2.63 0.46
N LYS A 138 5.42 2.44 0.04
CA LYS A 138 4.41 3.47 0.31
C LYS A 138 4.21 3.67 1.80
N VAL A 139 4.11 2.58 2.57
CA VAL A 139 3.98 2.70 4.03
C VAL A 139 5.13 3.52 4.61
N LEU A 140 6.37 3.20 4.21
CA LEU A 140 7.53 3.89 4.77
C LEU A 140 7.62 5.33 4.29
N ARG A 141 7.33 5.58 3.02
CA ARG A 141 7.37 6.97 2.53
C ARG A 141 6.31 7.83 3.20
N GLU A 142 5.10 7.28 3.45
CA GLU A 142 4.05 8.10 4.01
C GLU A 142 4.19 8.25 5.51
N SER A 143 5.10 7.52 6.14
CA SER A 143 5.21 7.56 7.60
C SER A 143 5.77 8.91 8.09
N GLY A 144 6.54 9.62 7.27
CA GLY A 144 7.20 10.82 7.79
C GLY A 144 8.49 10.56 8.52
N LEU A 145 8.87 9.30 8.72
CA LEU A 145 10.11 8.95 9.38
C LEU A 145 11.29 9.27 8.46
N LYS A 146 12.49 9.21 9.01
CA LYS A 146 13.70 9.43 8.22
C LYS A 146 14.01 8.09 7.56
N TYR A 147 13.53 7.93 6.34
CA TYR A 147 13.50 6.65 5.64
C TYR A 147 14.47 6.67 4.47
N VAL A 148 15.40 5.73 4.48
CA VAL A 148 16.28 5.50 3.32
C VAL A 148 15.73 4.29 2.61
N ALA A 149 15.28 4.48 1.37
CA ALA A 149 14.69 3.41 0.55
C ALA A 149 15.82 2.75 -0.22
N VAL A 150 16.28 1.61 0.21
CA VAL A 150 17.33 0.86 -0.47
C VAL A 150 16.71 -0.08 -1.50
N MET A 151 17.07 0.07 -2.76
CA MET A 151 16.40 -0.60 -3.88
C MET A 151 17.43 -1.36 -4.71
N PRO A 152 17.92 -2.48 -4.21
CA PRO A 152 19.06 -3.16 -4.91
C PRO A 152 18.60 -3.94 -6.12
N PRO A 153 19.52 -4.19 -7.06
CA PRO A 153 19.26 -5.10 -8.17
C PRO A 153 19.58 -6.52 -7.70
N HIS A 154 20.02 -7.43 -8.55
CA HIS A 154 20.30 -8.79 -8.12
C HIS A 154 21.28 -8.83 -6.97
N ILE A 155 20.98 -9.64 -5.93
CA ILE A 155 21.86 -9.78 -4.78
C ILE A 155 22.72 -11.02 -4.98
N GLY A 156 24.04 -10.82 -5.08
CA GLY A 156 24.95 -11.91 -5.40
C GLY A 156 25.81 -12.31 -4.21
N ASP A 157 26.74 -13.21 -4.46
CA ASP A 157 27.61 -13.76 -3.43
C ASP A 157 29.04 -13.28 -3.53
N GLN A 158 29.26 -12.20 -4.27
CA GLN A 158 30.60 -11.62 -4.46
C GLN A 158 31.08 -10.98 -3.14
N PRO A 159 32.34 -10.51 -3.10
CA PRO A 159 32.91 -10.08 -1.81
C PRO A 159 32.30 -8.77 -1.30
N LEU A 160 32.59 -8.51 -0.02
CA LEU A 160 32.53 -7.16 0.52
C LEU A 160 33.65 -6.34 -0.07
N THR A 161 33.33 -5.20 -0.66
CA THR A 161 34.33 -4.27 -1.19
C THR A 161 34.23 -2.89 -0.57
N GLY A 162 33.04 -2.46 -0.17
CA GLY A 162 32.90 -1.05 0.18
C GLY A 162 33.10 -0.09 -0.98
N ALA A 163 33.16 -0.60 -2.22
CA ALA A 163 33.59 0.20 -3.37
C ALA A 163 32.45 0.37 -4.37
N TYR A 164 31.26 -0.03 -3.98
CA TYR A 164 30.12 0.02 -4.87
C TYR A 164 29.66 1.46 -5.14
N THR A 165 28.92 1.60 -6.25
CA THR A 165 28.27 2.85 -6.62
C THR A 165 26.91 2.95 -5.92
N VAL A 166 26.55 4.15 -5.51
CA VAL A 166 25.25 4.42 -4.90
C VAL A 166 24.57 5.41 -5.81
N THR A 167 23.52 4.98 -6.51
CA THR A 167 22.82 5.85 -7.45
C THR A 167 21.56 6.38 -6.75
N LEU A 168 21.39 7.67 -6.73
CA LEU A 168 20.21 8.27 -6.08
C LEU A 168 19.07 8.44 -7.09
N ASP A 169 17.90 7.97 -6.69
CA ASP A 169 16.64 8.30 -7.37
C ASP A 169 16.67 7.87 -8.85
N GLY A 170 17.24 6.70 -9.12
CA GLY A 170 17.30 6.15 -10.48
C GLY A 170 18.07 4.84 -10.49
N ARG A 171 18.04 4.16 -11.66
CA ARG A 171 18.75 2.89 -11.79
C ARG A 171 20.23 3.15 -11.99
N GLY A 172 21.06 2.32 -11.33
CA GLY A 172 22.51 2.43 -11.41
C GLY A 172 23.13 1.70 -12.58
N PRO A 173 24.45 1.76 -12.70
CA PRO A 173 25.11 1.27 -13.92
C PRO A 173 25.40 -0.23 -13.97
N SER A 174 25.20 -0.98 -12.88
CA SER A 174 25.38 -2.41 -12.89
CA SER A 174 25.38 -2.42 -12.87
C SER A 174 24.10 -3.05 -12.36
N ARG A 175 23.90 -4.33 -12.66
CA ARG A 175 22.67 -5.02 -12.26
C ARG A 175 22.91 -5.97 -11.11
N VAL A 176 24.03 -5.85 -10.39
CA VAL A 176 24.31 -6.71 -9.23
C VAL A 176 24.87 -5.91 -8.07
N ILE A 177 24.60 -6.35 -6.85
CA ILE A 177 25.30 -5.92 -5.65
C ILE A 177 25.54 -7.15 -4.81
N SER A 178 26.72 -7.31 -4.24
CA SER A 178 26.89 -8.50 -3.41
C SER A 178 26.06 -8.33 -2.13
N LYS A 179 25.62 -9.46 -1.55
CA LYS A 179 24.93 -9.36 -0.26
C LYS A 179 25.78 -8.67 0.81
N HIS A 180 27.11 -8.85 0.74
CA HIS A 180 27.97 -8.23 1.73
C HIS A 180 28.05 -6.72 1.54
N ASP A 181 28.15 -6.29 0.28
CA ASP A 181 28.12 -4.84 0.00
C ASP A 181 26.76 -4.25 0.32
N LEU A 182 25.67 -4.95 0.03
CA LEU A 182 24.35 -4.43 0.40
C LEU A 182 24.27 -4.22 1.91
N GLY A 183 24.73 -5.19 2.71
CA GLY A 183 24.72 -5.00 4.14
C GLY A 183 25.61 -3.84 4.57
N HIS A 184 26.79 -3.73 3.97
CA HIS A 184 27.68 -2.61 4.26
C HIS A 184 26.98 -1.27 3.98
N PHE A 185 26.22 -1.20 2.89
CA PHE A 185 25.53 0.04 2.59
C PHE A 185 24.42 0.30 3.60
N MET A 186 23.66 -0.71 3.98
CA MET A 186 22.60 -0.46 4.98
C MET A 186 23.20 0.13 6.25
N LEU A 187 24.40 -0.35 6.65
CA LEU A 187 25.04 0.17 7.83
C LEU A 187 25.58 1.58 7.58
N ARG A 188 26.11 1.84 6.38
CA ARG A 188 26.61 3.17 6.06
C ARG A 188 25.49 4.22 6.22
N CYS A 189 24.26 3.82 5.88
CA CYS A 189 23.14 4.74 5.94
C CYS A 189 22.81 5.13 7.37
N LEU A 190 23.35 4.43 8.37
CA LEU A 190 23.15 4.83 9.76
C LEU A 190 23.96 6.04 10.17
N THR A 191 25.04 6.33 9.45
CA THR A 191 26.03 7.32 9.87
C THR A 191 25.89 8.63 9.10
N THR A 192 24.88 8.75 8.23
CA THR A 192 24.75 9.96 7.42
C THR A 192 23.29 10.22 7.19
N ASP A 193 22.93 11.50 7.01
CA ASP A 193 21.56 11.83 6.65
C ASP A 193 21.40 12.06 5.17
N GLU A 194 22.47 11.85 4.38
CA GLU A 194 22.40 12.32 3.02
C GLU A 194 21.48 11.49 2.16
N TYR A 195 21.10 10.28 2.60
CA TYR A 195 20.19 9.47 1.79
C TYR A 195 18.74 9.55 2.29
N ASP A 196 18.50 10.26 3.37
CA ASP A 196 17.15 10.28 3.93
C ASP A 196 16.19 10.85 2.89
N GLY A 197 15.07 10.18 2.68
CA GLY A 197 14.05 10.66 1.77
C GLY A 197 14.39 10.38 0.32
N HIS A 198 15.45 9.66 0.06
CA HIS A 198 15.85 9.27 -1.27
C HIS A 198 15.68 7.78 -1.49
N SER A 199 15.55 7.41 -2.76
CA SER A 199 15.77 6.02 -3.16
C SER A 199 17.23 5.86 -3.54
N THR A 200 17.78 4.75 -3.14
CA THR A 200 19.20 4.44 -3.35
C THR A 200 19.34 3.10 -4.03
N TYR A 201 20.14 3.02 -5.06
CA TYR A 201 20.36 1.79 -5.80
C TYR A 201 21.86 1.52 -5.69
N PRO A 202 22.27 0.57 -4.87
CA PRO A 202 23.70 0.21 -4.79
C PRO A 202 24.00 -0.86 -5.83
N SER A 203 25.13 -0.71 -6.52
CA SER A 203 25.51 -1.71 -7.51
C SER A 203 27.00 -1.66 -7.72
N HIS A 204 27.53 -2.74 -8.28
CA HIS A 204 28.99 -2.77 -8.47
C HIS A 204 29.33 -3.77 -9.55
N GLN A 205 30.54 -3.66 -10.08
CA GLN A 205 31.10 -4.69 -10.96
C GLN A 205 32.26 -5.33 -10.21
N TYR A 206 32.17 -6.63 -9.98
CA TYR A 206 33.14 -7.36 -9.18
C TYR A 206 34.21 -7.87 -10.12
N GLN A 207 35.44 -7.40 -9.91
CA GLN A 207 36.51 -7.72 -10.79
C GLN A 207 37.85 -7.52 -10.08
N HIS B 1 -27.42 12.06 -20.65
CA HIS B 1 -28.24 11.29 -19.71
C HIS B 1 -28.99 12.20 -18.71
N MET B 2 -29.01 11.79 -17.44
CA MET B 2 -29.58 12.58 -16.36
C MET B 2 -28.45 13.32 -15.63
N ALA B 3 -28.58 14.65 -15.50
CA ALA B 3 -27.49 15.48 -15.00
C ALA B 3 -27.32 15.27 -13.50
N VAL B 4 -26.14 14.85 -13.09
CA VAL B 4 -25.87 14.60 -11.69
C VAL B 4 -25.31 15.86 -11.06
N LYS B 5 -25.99 16.38 -10.03
CA LYS B 5 -25.50 17.50 -9.21
C LYS B 5 -25.27 17.11 -7.75
N LYS B 6 -26.17 16.29 -7.19
CA LYS B 6 -26.09 15.88 -5.80
C LYS B 6 -25.60 14.44 -5.72
N ILE B 7 -24.55 14.24 -4.94
CA ILE B 7 -24.01 12.90 -4.72
C ILE B 7 -23.79 12.65 -3.24
N ALA B 8 -23.99 11.37 -2.86
CA ALA B 8 -23.45 10.87 -1.60
C ALA B 8 -22.12 10.17 -1.86
N ILE B 9 -21.17 10.35 -0.95
CA ILE B 9 -19.91 9.60 -0.94
C ILE B 9 -19.83 8.84 0.37
N PHE B 10 -19.68 7.53 0.25
CA PHE B 10 -19.38 6.67 1.37
C PHE B 10 -17.88 6.40 1.34
N GLY B 11 -17.26 6.44 2.52
CA GLY B 11 -15.81 6.28 2.62
C GLY B 11 -15.06 7.55 2.29
N ALA B 12 -15.67 8.73 2.52
CA ALA B 12 -15.05 10.00 2.15
C ALA B 12 -13.84 10.35 3.01
N THR B 13 -13.63 9.72 4.17
CA THR B 13 -12.49 9.99 5.02
C THR B 13 -11.29 9.10 4.72
N GLY B 14 -11.43 8.14 3.78
CA GLY B 14 -10.36 7.25 3.38
C GLY B 14 -9.36 7.92 2.43
N GLN B 15 -8.35 7.16 2.01
CA GLN B 15 -7.30 7.83 1.24
C GLN B 15 -7.85 8.23 -0.12
N THR B 16 -8.68 7.37 -0.75
CA THR B 16 -9.29 7.76 -2.02
C THR B 16 -10.48 8.68 -1.80
N GLY B 17 -11.25 8.41 -0.73
CA GLY B 17 -12.40 9.25 -0.41
C GLY B 17 -12.05 10.71 -0.27
N LEU B 18 -10.95 11.01 0.43
CA LEU B 18 -10.62 12.41 0.71
C LEU B 18 -10.40 13.18 -0.57
N THR B 19 -9.65 12.59 -1.51
CA THR B 19 -9.38 13.31 -2.76
C THR B 19 -10.57 13.29 -3.70
N THR B 20 -11.37 12.23 -3.68
CA THR B 20 -12.60 12.25 -4.46
C THR B 20 -13.53 13.36 -3.94
N LEU B 21 -13.64 13.47 -2.61
CA LEU B 21 -14.45 14.53 -2.02
C LEU B 21 -13.93 15.91 -2.42
N ALA B 22 -12.62 16.16 -2.27
CA ALA B 22 -12.06 17.47 -2.63
C ALA B 22 -12.33 17.79 -4.08
N GLN B 23 -12.09 16.82 -4.97
CA GLN B 23 -12.27 17.05 -6.39
C GLN B 23 -13.74 17.29 -6.72
N ALA B 24 -14.65 16.57 -6.05
CA ALA B 24 -16.07 16.75 -6.31
C ALA B 24 -16.53 18.12 -5.86
N VAL B 25 -16.06 18.57 -4.70
CA VAL B 25 -16.43 19.90 -4.23
C VAL B 25 -15.90 20.97 -5.17
N GLN B 26 -14.61 20.85 -5.58
CA GLN B 26 -14.04 21.83 -6.52
C GLN B 26 -14.80 21.88 -7.85
N ALA B 27 -15.33 20.72 -8.31
CA ALA B 27 -16.00 20.65 -9.60
C ALA B 27 -17.43 21.17 -9.52
N GLY B 28 -17.97 21.37 -8.32
CA GLY B 28 -19.30 21.93 -8.17
C GLY B 28 -20.35 20.96 -7.67
N TYR B 29 -20.02 19.71 -7.40
CA TYR B 29 -21.04 18.80 -6.88
C TYR B 29 -21.49 19.26 -5.52
N GLU B 30 -22.78 19.03 -5.23
CA GLU B 30 -23.30 19.18 -3.89
C GLU B 30 -23.15 17.81 -3.19
N VAL B 31 -22.20 17.72 -2.26
CA VAL B 31 -21.76 16.42 -1.73
C VAL B 31 -22.30 16.22 -0.33
N THR B 32 -22.89 15.05 -0.11
CA THR B 32 -23.26 14.56 1.22
C THR B 32 -22.34 13.41 1.58
N VAL B 33 -21.77 13.43 2.78
CA VAL B 33 -20.92 12.34 3.23
C VAL B 33 -21.50 11.73 4.49
N LEU B 34 -21.27 10.41 4.65
CA LEU B 34 -21.58 9.69 5.88
C LEU B 34 -20.22 9.41 6.52
N VAL B 35 -20.01 9.96 7.72
CA VAL B 35 -18.73 9.76 8.41
C VAL B 35 -19.02 9.32 9.83
N ARG B 36 -18.19 8.38 10.32
CA ARG B 36 -18.33 7.94 11.71
C ARG B 36 -17.79 9.00 12.67
N ASP B 37 -16.87 9.85 12.20
CA ASP B 37 -16.17 10.80 13.08
C ASP B 37 -15.85 12.03 12.24
N SER B 38 -16.56 13.13 12.50
CA SER B 38 -16.41 14.31 11.64
C SER B 38 -15.06 14.98 11.80
N SER B 39 -14.30 14.68 12.85
CA SER B 39 -12.97 15.23 12.97
C SER B 39 -12.00 14.65 11.94
N ARG B 40 -12.38 13.56 11.24
CA ARG B 40 -11.53 12.98 10.20
C ARG B 40 -11.71 13.67 8.86
N LEU B 41 -12.60 14.67 8.76
CA LEU B 41 -12.72 15.52 7.59
C LEU B 41 -11.81 16.73 7.78
N PRO B 42 -11.22 17.23 6.70
CA PRO B 42 -10.33 18.40 6.83
C PRO B 42 -11.13 19.63 7.22
N SER B 43 -10.53 20.47 8.06
CA SER B 43 -11.23 21.67 8.48
C SER B 43 -11.02 22.83 7.52
N GLU B 44 -10.00 22.77 6.68
CA GLU B 44 -9.78 23.82 5.70
C GLU B 44 -10.04 23.29 4.30
N GLY B 45 -9.90 24.18 3.30
CA GLY B 45 -10.05 23.82 1.90
C GLY B 45 -11.46 23.40 1.53
N PRO B 46 -11.61 22.66 0.42
CA PRO B 46 -12.95 22.20 0.02
C PRO B 46 -13.58 21.30 1.07
N ARG B 47 -14.85 21.60 1.42
CA ARG B 47 -15.68 20.93 2.42
C ARG B 47 -17.01 20.53 1.81
N PRO B 48 -17.53 19.37 2.21
CA PRO B 48 -18.82 18.92 1.66
C PRO B 48 -19.98 19.80 2.11
N ALA B 49 -21.05 19.75 1.30
CA ALA B 49 -22.22 20.55 1.62
C ALA B 49 -22.99 19.97 2.80
N HIS B 50 -22.95 18.65 2.99
CA HIS B 50 -23.77 18.01 4.03
C HIS B 50 -22.96 16.88 4.67
N VAL B 51 -22.99 16.83 5.99
CA VAL B 51 -22.29 15.81 6.78
C VAL B 51 -23.31 15.06 7.61
N VAL B 52 -23.42 13.74 7.38
CA VAL B 52 -24.22 12.85 8.24
C VAL B 52 -23.21 12.09 9.09
N VAL B 53 -23.35 12.15 10.42
CA VAL B 53 -22.48 11.42 11.33
C VAL B 53 -23.18 10.11 11.65
N GLY B 54 -22.54 9.00 11.31
CA GLY B 54 -23.17 7.71 11.53
C GLY B 54 -22.36 6.63 10.85
N ASP B 55 -22.98 5.46 10.68
CA ASP B 55 -22.27 4.23 10.33
C ASP B 55 -22.98 3.57 9.16
N VAL B 56 -22.21 3.06 8.20
CA VAL B 56 -22.83 2.42 7.03
C VAL B 56 -23.59 1.16 7.43
N LEU B 57 -23.30 0.60 8.59
CA LEU B 57 -24.00 -0.59 9.10
C LEU B 57 -25.35 -0.27 9.69
N GLN B 58 -25.68 1.01 9.85
CA GLN B 58 -26.97 1.45 10.39
C GLN B 58 -27.84 1.91 9.22
N ALA B 59 -28.90 1.14 8.91
CA ALA B 59 -29.74 1.45 7.76
C ALA B 59 -30.28 2.88 7.80
N ALA B 60 -30.68 3.37 8.99
CA ALA B 60 -31.22 4.72 9.08
C ALA B 60 -30.20 5.77 8.68
N ASP B 61 -28.95 5.58 9.07
CA ASP B 61 -27.90 6.55 8.73
C ASP B 61 -27.66 6.54 7.23
N VAL B 62 -27.65 5.34 6.64
CA VAL B 62 -27.51 5.23 5.19
C VAL B 62 -28.69 5.90 4.48
N ASP B 63 -29.90 5.62 4.94
CA ASP B 63 -31.07 6.19 4.32
C ASP B 63 -30.99 7.73 4.31
N LYS B 64 -30.59 8.32 5.44
CA LYS B 64 -30.48 9.79 5.56
C LYS B 64 -29.42 10.33 4.59
N THR B 65 -28.38 9.55 4.32
CA THR B 65 -27.30 9.98 3.42
C THR B 65 -27.74 9.89 1.96
N VAL B 66 -28.51 8.84 1.61
CA VAL B 66 -28.90 8.61 0.21
C VAL B 66 -30.10 9.47 -0.21
N ALA B 67 -30.97 9.86 0.74
CA ALA B 67 -32.14 10.66 0.41
C ALA B 67 -31.78 11.87 -0.45
N GLY B 68 -32.53 12.07 -1.54
CA GLY B 68 -32.35 13.26 -2.32
C GLY B 68 -31.16 13.28 -3.28
N GLN B 69 -30.35 12.22 -3.34
CA GLN B 69 -29.18 12.25 -4.21
C GLN B 69 -29.54 11.88 -5.65
N ASP B 70 -28.67 12.30 -6.57
CA ASP B 70 -28.72 11.86 -7.96
C ASP B 70 -27.87 10.61 -8.20
N ALA B 71 -26.81 10.38 -7.43
CA ALA B 71 -25.95 9.22 -7.61
C ALA B 71 -25.17 9.00 -6.32
N VAL B 72 -24.54 7.82 -6.21
CA VAL B 72 -23.80 7.41 -5.01
C VAL B 72 -22.42 6.92 -5.43
N ILE B 73 -21.40 7.38 -4.72
CA ILE B 73 -20.04 6.87 -4.87
C ILE B 73 -19.71 6.07 -3.61
N VAL B 74 -19.13 4.87 -3.79
CA VAL B 74 -18.79 3.99 -2.67
C VAL B 74 -17.29 3.74 -2.68
N LEU B 75 -16.63 4.24 -1.65
CA LEU B 75 -15.19 4.09 -1.43
C LEU B 75 -14.94 3.57 -0.02
N LEU B 76 -15.84 2.71 0.43
CA LEU B 76 -15.64 2.02 1.72
C LEU B 76 -14.45 1.08 1.65
N GLY B 77 -13.84 0.85 2.81
CA GLY B 77 -12.78 -0.13 2.92
C GLY B 77 -12.62 -0.48 4.37
N THR B 78 -11.94 -1.63 4.61
CA THR B 78 -11.71 -2.20 5.94
C THR B 78 -10.30 -2.81 5.93
N ARG B 79 -9.32 -1.90 5.85
CA ARG B 79 -7.90 -2.24 5.69
C ARG B 79 -7.37 -3.12 6.82
N ASN B 80 -7.90 -2.98 8.02
CA ASN B 80 -7.39 -3.71 9.16
C ASN B 80 -8.00 -5.10 9.31
N ASP B 81 -9.02 -5.45 8.52
CA ASP B 81 -9.63 -6.77 8.64
C ASP B 81 -8.79 -7.78 7.83
N LEU B 82 -8.36 -8.82 8.48
CA LEU B 82 -7.61 -9.88 7.78
C LEU B 82 -8.28 -11.22 7.90
N SER B 83 -9.45 -11.29 8.53
CA SER B 83 -10.21 -12.52 8.71
C SER B 83 -11.65 -12.17 8.36
N PRO B 84 -12.52 -13.16 8.17
CA PRO B 84 -13.84 -12.89 7.56
C PRO B 84 -14.56 -11.67 8.13
N THR B 85 -15.02 -10.82 7.23
CA THR B 85 -15.62 -9.53 7.57
C THR B 85 -16.72 -9.25 6.57
N THR B 86 -17.82 -8.64 7.04
CA THR B 86 -18.94 -8.34 6.15
C THR B 86 -19.34 -6.87 6.16
N VAL B 87 -18.47 -6.00 6.64
CA VAL B 87 -18.83 -4.58 6.75
C VAL B 87 -19.20 -4.00 5.38
N MET B 88 -18.35 -4.21 4.36
CA MET B 88 -18.63 -3.60 3.06
C MET B 88 -19.88 -4.18 2.42
N SER B 89 -20.07 -5.51 2.47
CA SER B 89 -21.23 -6.07 1.80
C SER B 89 -22.51 -5.70 2.53
N GLU B 90 -22.49 -5.69 3.87
CA GLU B 90 -23.66 -5.26 4.63
C GLU B 90 -23.94 -3.78 4.40
N GLY B 91 -22.89 -2.97 4.35
CA GLY B 91 -23.06 -1.57 3.94
C GLY B 91 -23.69 -1.44 2.57
N ALA B 92 -23.22 -2.24 1.60
CA ALA B 92 -23.80 -2.19 0.25
C ALA B 92 -25.27 -2.61 0.24
N ARG B 93 -25.67 -3.63 1.04
CA ARG B 93 -27.10 -3.97 1.14
C ARG B 93 -27.89 -2.77 1.64
N ASN B 94 -27.36 -2.05 2.63
CA ASN B 94 -28.09 -0.89 3.14
C ASN B 94 -28.17 0.22 2.09
N ILE B 95 -27.07 0.44 1.37
CA ILE B 95 -27.04 1.44 0.31
C ILE B 95 -28.08 1.09 -0.78
N VAL B 96 -28.09 -0.16 -1.23
CA VAL B 96 -29.05 -0.58 -2.25
C VAL B 96 -30.48 -0.35 -1.77
N ALA B 97 -30.80 -0.72 -0.53
CA ALA B 97 -32.17 -0.57 -0.06
C ALA B 97 -32.55 0.90 -0.02
N ALA B 98 -31.60 1.75 0.40
CA ALA B 98 -31.91 3.16 0.48
C ALA B 98 -32.06 3.78 -0.92
N MET B 99 -31.20 3.37 -1.87
CA MET B 99 -31.34 3.89 -3.22
C MET B 99 -32.70 3.51 -3.81
N LYS B 100 -33.11 2.25 -3.64
CA LYS B 100 -34.42 1.83 -4.15
C LYS B 100 -35.54 2.64 -3.49
N ALA B 101 -35.44 2.86 -2.17
CA ALA B 101 -36.50 3.58 -1.46
C ALA B 101 -36.60 5.04 -1.89
N HIS B 102 -35.49 5.65 -2.29
CA HIS B 102 -35.45 7.07 -2.61
C HIS B 102 -35.37 7.34 -4.12
N GLY B 103 -35.47 6.30 -4.96
CA GLY B 103 -35.42 6.49 -6.41
C GLY B 103 -34.08 6.97 -6.94
N VAL B 104 -32.98 6.60 -6.28
CA VAL B 104 -31.64 6.92 -6.74
C VAL B 104 -31.14 5.75 -7.57
N ASP B 105 -30.73 6.01 -8.82
CA ASP B 105 -30.53 4.89 -9.74
C ASP B 105 -29.09 4.60 -10.13
N LYS B 106 -28.12 5.40 -9.68
CA LYS B 106 -26.75 5.31 -10.20
C LYS B 106 -25.77 5.15 -9.04
N VAL B 107 -24.94 4.09 -9.11
CA VAL B 107 -23.94 3.83 -8.08
C VAL B 107 -22.63 3.46 -8.75
N VAL B 108 -21.55 4.08 -8.28
CA VAL B 108 -20.19 3.83 -8.79
C VAL B 108 -19.46 3.36 -7.56
N ALA B 109 -19.02 2.08 -7.55
CA ALA B 109 -18.46 1.50 -6.32
C ALA B 109 -17.12 0.83 -6.58
N CYS B 110 -16.21 1.04 -5.64
CA CYS B 110 -14.86 0.52 -5.72
C CYS B 110 -14.74 -0.81 -4.99
N THR B 111 -14.22 -1.81 -5.69
CA THR B 111 -13.77 -3.07 -5.08
C THR B 111 -12.26 -3.20 -5.32
N SER B 112 -11.82 -4.13 -6.17
CA SER B 112 -10.39 -4.22 -6.49
C SER B 112 -10.21 -5.11 -7.70
N ALA B 113 -9.06 -4.91 -8.35
CA ALA B 113 -8.67 -5.71 -9.51
C ALA B 113 -8.47 -7.19 -9.19
N PHE B 114 -8.40 -7.59 -7.90
CA PHE B 114 -8.35 -9.02 -7.63
C PHE B 114 -9.58 -9.73 -8.19
N LEU B 115 -10.70 -9.01 -8.31
CA LEU B 115 -11.91 -9.61 -8.86
C LEU B 115 -11.80 -9.89 -10.34
N LEU B 116 -10.76 -9.36 -11.01
CA LEU B 116 -10.50 -9.60 -12.42
C LEU B 116 -9.41 -10.62 -12.68
N TRP B 117 -8.67 -11.05 -11.66
CA TRP B 117 -7.50 -11.92 -11.82
C TRP B 117 -7.77 -13.27 -11.18
N ASP B 118 -6.83 -14.19 -11.39
CA ASP B 118 -6.96 -15.50 -10.77
C ASP B 118 -7.00 -15.39 -9.25
N PRO B 119 -7.86 -16.15 -8.57
CA PRO B 119 -7.92 -16.00 -7.11
C PRO B 119 -6.61 -16.30 -6.42
N THR B 120 -5.69 -17.07 -7.05
CA THR B 120 -4.41 -17.30 -6.37
C THR B 120 -3.51 -16.06 -6.37
N LYS B 121 -3.88 -14.98 -7.06
CA LYS B 121 -3.10 -13.75 -6.94
C LYS B 121 -3.31 -13.06 -5.60
N VAL B 122 -4.32 -13.46 -4.83
CA VAL B 122 -4.67 -12.75 -3.59
C VAL B 122 -3.73 -13.15 -2.47
N PRO B 123 -3.01 -12.23 -1.87
CA PRO B 123 -2.22 -12.59 -0.69
C PRO B 123 -3.14 -13.17 0.38
N PRO B 124 -2.69 -14.13 1.16
CA PRO B 124 -3.58 -14.73 2.20
C PRO B 124 -4.22 -13.72 3.13
N ARG B 125 -3.50 -12.67 3.60
CA ARG B 125 -4.09 -11.69 4.48
C ARG B 125 -5.24 -10.97 3.83
N LEU B 126 -5.24 -10.84 2.49
CA LEU B 126 -6.27 -10.07 1.82
C LEU B 126 -7.43 -10.93 1.32
N GLN B 127 -7.44 -12.23 1.61
CA GLN B 127 -8.56 -13.07 1.14
C GLN B 127 -9.90 -12.66 1.75
N ALA B 128 -9.91 -12.30 3.03
CA ALA B 128 -11.18 -12.01 3.68
C ALA B 128 -11.79 -10.75 3.11
N VAL B 129 -10.97 -9.70 2.91
CA VAL B 129 -11.56 -8.50 2.33
C VAL B 129 -11.96 -8.73 0.87
N THR B 130 -11.17 -9.51 0.13
CA THR B 130 -11.52 -9.80 -1.25
C THR B 130 -12.82 -10.58 -1.32
N ASP B 131 -13.01 -11.55 -0.40
CA ASP B 131 -14.28 -12.27 -0.38
C ASP B 131 -15.44 -11.31 -0.13
N ASP B 132 -15.24 -10.29 0.74
CA ASP B 132 -16.32 -9.35 0.99
C ASP B 132 -16.50 -8.38 -0.16
N HIS B 133 -15.43 -7.96 -0.84
CA HIS B 133 -15.59 -7.25 -2.12
C HIS B 133 -16.44 -8.06 -3.09
N ILE B 134 -16.19 -9.37 -3.20
CA ILE B 134 -17.00 -10.20 -4.10
C ILE B 134 -18.48 -10.17 -3.67
N ARG B 135 -18.74 -10.29 -2.36
CA ARG B 135 -20.12 -10.22 -1.90
C ARG B 135 -20.74 -8.86 -2.22
N MET B 136 -19.98 -7.78 -2.01
CA MET B 136 -20.50 -6.44 -2.30
C MET B 136 -20.79 -6.28 -3.78
N HIS B 137 -19.86 -6.77 -4.62
CA HIS B 137 -20.07 -6.68 -6.07
C HIS B 137 -21.33 -7.43 -6.49
N LYS B 138 -21.57 -8.62 -5.92
CA LYS B 138 -22.78 -9.35 -6.23
C LYS B 138 -24.04 -8.60 -5.79
N VAL B 139 -24.02 -8.03 -4.59
CA VAL B 139 -25.15 -7.23 -4.12
C VAL B 139 -25.47 -6.11 -5.11
N LEU B 140 -24.43 -5.40 -5.58
CA LEU B 140 -24.66 -4.27 -6.49
C LEU B 140 -25.10 -4.75 -7.87
N ARG B 141 -24.49 -5.81 -8.37
CA ARG B 141 -24.87 -6.30 -9.69
C ARG B 141 -26.29 -6.85 -9.72
N GLU B 142 -26.74 -7.48 -8.62
CA GLU B 142 -28.08 -8.06 -8.55
C GLU B 142 -29.14 -7.03 -8.22
N SER B 143 -28.75 -5.80 -7.92
CA SER B 143 -29.73 -4.80 -7.48
C SER B 143 -30.60 -4.27 -8.63
N GLY B 144 -30.14 -4.38 -9.86
CA GLY B 144 -30.81 -3.73 -10.96
C GLY B 144 -30.56 -2.25 -11.08
N LEU B 145 -29.78 -1.64 -10.17
CA LEU B 145 -29.38 -0.25 -10.29
C LEU B 145 -28.35 -0.11 -11.40
N LYS B 146 -28.21 1.11 -11.91
CA LYS B 146 -27.13 1.34 -12.88
C LYS B 146 -25.84 1.36 -12.10
N TYR B 147 -24.97 0.37 -12.32
CA TYR B 147 -23.84 0.15 -11.42
C TYR B 147 -22.56 0.10 -12.24
N VAL B 148 -21.62 0.99 -11.94
CA VAL B 148 -20.27 0.90 -12.49
C VAL B 148 -19.37 0.28 -11.44
N ALA B 149 -18.79 -0.87 -11.78
CA ALA B 149 -17.86 -1.53 -10.88
C ALA B 149 -16.45 -1.05 -11.18
N VAL B 150 -15.82 -0.39 -10.24
CA VAL B 150 -14.46 0.10 -10.42
C VAL B 150 -13.53 -0.83 -9.63
N MET B 151 -12.53 -1.39 -10.33
CA MET B 151 -11.74 -2.51 -9.81
C MET B 151 -10.28 -2.13 -9.98
N PRO B 152 -9.77 -1.29 -9.07
CA PRO B 152 -8.42 -0.74 -9.28
C PRO B 152 -7.35 -1.70 -8.81
N PRO B 153 -6.13 -1.53 -9.34
CA PRO B 153 -4.95 -2.24 -8.80
C PRO B 153 -4.38 -1.43 -7.64
N HIS B 154 -3.05 -1.43 -7.43
CA HIS B 154 -2.48 -0.68 -6.32
C HIS B 154 -2.88 0.79 -6.38
N ILE B 155 -3.32 1.35 -5.25
CA ILE B 155 -3.66 2.76 -5.17
C ILE B 155 -2.43 3.52 -4.69
N GLY B 156 -1.89 4.39 -5.54
CA GLY B 156 -0.70 5.14 -5.22
C GLY B 156 -0.99 6.58 -4.83
N ASP B 157 0.11 7.35 -4.67
CA ASP B 157 0.02 8.74 -4.19
C ASP B 157 0.48 9.75 -5.22
N GLN B 158 0.61 9.36 -6.48
CA GLN B 158 1.18 10.26 -7.49
C GLN B 158 0.19 11.39 -7.78
N PRO B 159 0.66 12.53 -8.28
CA PRO B 159 -0.27 13.64 -8.54
C PRO B 159 -1.26 13.32 -9.65
N LEU B 160 -2.46 13.91 -9.51
CA LEU B 160 -3.50 13.79 -10.52
C LEU B 160 -2.95 14.07 -11.91
N THR B 161 -3.34 13.21 -12.88
CA THR B 161 -3.00 13.39 -14.29
C THR B 161 -4.22 13.55 -15.19
N GLY B 162 -5.35 12.89 -14.86
CA GLY B 162 -6.47 12.85 -15.79
C GLY B 162 -6.16 12.10 -17.09
N ALA B 163 -5.06 11.35 -17.11
CA ALA B 163 -4.50 10.81 -18.35
C ALA B 163 -4.38 9.29 -18.34
N TYR B 164 -4.96 8.64 -17.32
CA TYR B 164 -4.96 7.20 -17.11
C TYR B 164 -5.81 6.50 -18.18
N THR B 165 -5.58 5.21 -18.31
CA THR B 165 -6.30 4.33 -19.21
C THR B 165 -7.42 3.65 -18.43
N VAL B 166 -8.55 3.40 -19.08
CA VAL B 166 -9.63 2.62 -18.48
C VAL B 166 -9.87 1.42 -19.38
N THR B 167 -9.70 0.24 -18.82
CA THR B 167 -9.97 -0.98 -19.54
C THR B 167 -11.29 -1.56 -19.07
N LEU B 168 -12.10 -2.00 -20.04
N LEU B 168 -12.07 -2.10 -20.00
CA LEU B 168 -13.50 -2.37 -19.86
CA LEU B 168 -13.36 -2.70 -19.66
C LEU B 168 -13.58 -3.88 -19.80
C LEU B 168 -13.26 -4.11 -19.10
N ASP B 169 -14.15 -4.40 -18.70
N ASP B 169 -12.05 -4.68 -18.99
CA ASP B 169 -14.39 -5.83 -18.56
CA ASP B 169 -11.91 -6.06 -18.53
C ASP B 169 -13.10 -6.64 -18.76
C ASP B 169 -10.47 -6.41 -18.10
N GLY B 170 -12.04 -6.20 -18.08
N GLY B 170 -9.78 -5.53 -17.37
CA GLY B 170 -10.77 -6.86 -18.23
CA GLY B 170 -8.70 -5.92 -16.47
C GLY B 170 -9.69 -6.03 -17.56
C GLY B 170 -7.25 -5.94 -16.94
N ARG B 171 -8.45 -6.52 -17.66
N ARG B 171 -6.88 -5.27 -18.02
CA ARG B 171 -7.33 -5.82 -17.06
CA ARG B 171 -5.48 -5.23 -18.40
C ARG B 171 -6.57 -4.99 -18.07
C ARG B 171 -5.01 -3.77 -18.48
N GLY B 172 -6.14 -3.80 -17.63
N GLY B 172 -3.71 -3.56 -18.48
CA GLY B 172 -5.31 -2.94 -18.42
CA GLY B 172 -3.26 -2.20 -18.58
C GLY B 172 -3.82 -3.16 -18.22
C GLY B 172 -1.76 -2.02 -18.57
N PRO B 173 -3.02 -2.20 -18.64
N PRO B 173 -1.33 -0.76 -18.73
CA PRO B 173 -1.58 -2.46 -18.79
CA PRO B 173 0.11 -0.48 -18.78
C PRO B 173 -0.66 -2.08 -17.63
C PRO B 173 0.73 -0.61 -17.44
N SER B 174 -1.07 -1.29 -16.64
N SER B 174 -0.11 -0.86 -16.45
CA SER B 174 -0.23 -0.97 -15.48
CA SER B 174 0.22 -0.60 -15.10
C SER B 174 -0.87 -1.60 -14.22
C SER B 174 -0.68 -1.43 -14.22
N ARG B 175 -0.11 -1.75 -13.10
CA ARG B 175 -0.76 -2.22 -11.88
C ARG B 175 -0.81 -1.12 -10.81
N VAL B 176 -0.88 0.15 -11.22
CA VAL B 176 -1.09 1.23 -10.27
C VAL B 176 -2.01 2.31 -10.84
N ILE B 177 -2.82 2.89 -9.97
CA ILE B 177 -3.60 4.09 -10.25
C ILE B 177 -3.38 5.01 -9.06
N SER B 178 -3.04 6.25 -9.32
CA SER B 178 -2.98 7.20 -8.21
C SER B 178 -4.36 7.35 -7.55
N LYS B 179 -4.39 7.51 -6.21
CA LYS B 179 -5.67 7.80 -5.55
C LYS B 179 -6.36 9.01 -6.19
N HIS B 180 -5.60 10.00 -6.62
CA HIS B 180 -6.18 11.19 -7.26
C HIS B 180 -6.83 10.85 -8.60
N ASP B 181 -6.13 10.04 -9.43
CA ASP B 181 -6.72 9.61 -10.70
C ASP B 181 -7.90 8.70 -10.49
N LEU B 182 -7.84 7.82 -9.48
CA LEU B 182 -8.97 6.96 -9.17
C LEU B 182 -10.20 7.78 -8.79
N GLY B 183 -10.00 8.81 -7.93
CA GLY B 183 -11.10 9.70 -7.58
C GLY B 183 -11.65 10.43 -8.79
N HIS B 184 -10.77 10.90 -9.67
CA HIS B 184 -11.16 11.57 -10.89
C HIS B 184 -12.02 10.64 -11.74
N PHE B 185 -11.61 9.37 -11.85
CA PHE B 185 -12.39 8.40 -12.62
C PHE B 185 -13.76 8.15 -12.00
N MET B 186 -13.87 8.02 -10.66
CA MET B 186 -15.18 7.85 -10.04
C MET B 186 -16.13 8.99 -10.41
N LEU B 187 -15.61 10.20 -10.46
CA LEU B 187 -16.44 11.33 -10.81
C LEU B 187 -16.77 11.31 -12.30
N ARG B 188 -15.80 10.93 -13.15
CA ARG B 188 -16.11 10.84 -14.57
C ARG B 188 -17.27 9.88 -14.82
N CYS B 189 -17.38 8.82 -14.02
CA CYS B 189 -18.43 7.83 -14.21
C CYS B 189 -19.81 8.43 -13.94
N LEU B 190 -19.87 9.59 -13.29
CA LEU B 190 -21.16 10.26 -13.11
C LEU B 190 -21.62 11.01 -14.34
N THR B 191 -20.74 11.27 -15.32
CA THR B 191 -21.06 12.12 -16.46
C THR B 191 -21.42 11.34 -17.71
N THR B 192 -21.46 10.00 -17.62
CA THR B 192 -21.69 9.16 -18.79
C THR B 192 -22.35 7.87 -18.34
N ASP B 193 -23.06 7.22 -19.27
CA ASP B 193 -23.65 5.90 -19.08
CA ASP B 193 -23.61 5.89 -19.03
C ASP B 193 -22.78 4.77 -19.64
N GLU B 194 -21.64 5.10 -20.27
CA GLU B 194 -20.91 4.10 -21.05
C GLU B 194 -20.33 2.97 -20.22
N TYR B 195 -20.10 3.18 -18.92
CA TYR B 195 -19.54 2.12 -18.09
C TYR B 195 -20.60 1.36 -17.30
N ASP B 196 -21.85 1.80 -17.36
CA ASP B 196 -22.91 1.12 -16.63
C ASP B 196 -22.96 -0.35 -17.02
N GLY B 197 -23.05 -1.23 -16.03
CA GLY B 197 -23.09 -2.67 -16.27
C GLY B 197 -21.75 -3.30 -16.60
N HIS B 198 -20.67 -2.53 -16.53
CA HIS B 198 -19.34 -3.04 -16.83
C HIS B 198 -18.45 -3.00 -15.59
N SER B 199 -17.39 -3.79 -15.63
CA SER B 199 -16.29 -3.61 -14.72
C SER B 199 -15.24 -2.74 -15.39
N THR B 200 -14.55 -1.94 -14.59
CA THR B 200 -13.60 -0.97 -15.14
C THR B 200 -12.29 -1.07 -14.35
N TYR B 201 -11.19 -1.04 -15.06
CA TYR B 201 -9.85 -1.15 -14.49
C TYR B 201 -9.07 0.11 -14.88
N PRO B 202 -8.97 1.08 -13.99
CA PRO B 202 -8.18 2.28 -14.30
C PRO B 202 -6.72 2.05 -13.93
N SER B 203 -5.82 2.44 -14.83
CA SER B 203 -4.40 2.31 -14.53
C SER B 203 -3.58 3.29 -15.36
N HIS B 204 -2.32 3.47 -14.95
CA HIS B 204 -1.47 4.45 -15.61
C HIS B 204 0.00 4.23 -15.25
N GLN B 205 0.90 4.69 -16.12
CA GLN B 205 2.31 4.75 -15.79
CA GLN B 205 2.33 4.75 -15.84
C GLN B 205 2.69 6.17 -15.39
N TYR B 206 3.20 6.31 -14.18
CA TYR B 206 3.57 7.60 -13.62
C TYR B 206 5.06 7.87 -13.82
N GLN B 207 5.36 9.11 -14.22
CA GLN B 207 6.71 9.58 -14.55
C GLN B 207 7.54 8.61 -15.41
PA NAP C . 15.81 -13.48 2.64
O1A NAP C . 14.56 -13.85 1.93
O2A NAP C . 17.03 -14.36 2.52
O5B NAP C . 15.53 -13.29 4.21
C5B NAP C . 14.28 -12.81 4.65
C4B NAP C . 14.37 -12.52 6.15
O4B NAP C . 13.15 -12.03 6.60
C3B NAP C . 14.77 -13.76 7.01
O3B NAP C . 15.49 -13.32 8.08
C2B NAP C . 13.31 -14.07 7.42
O2B NAP C . 13.30 -14.91 8.65
C1B NAP C . 12.74 -12.84 7.78
N9A NAP C . 11.28 -12.86 7.82
C8A NAP C . 10.40 -13.28 6.88
N7A NAP C . 9.13 -13.31 7.36
C5A NAP C . 9.28 -12.83 8.66
C6A NAP C . 8.30 -12.68 9.62
N6A NAP C . 6.93 -12.90 9.44
N1A NAP C . 8.66 -12.20 10.82
C2A NAP C . 10.00 -11.95 11.10
N3A NAP C . 10.99 -12.10 10.14
C4A NAP C . 10.59 -12.57 8.94
O3 NAP C . 16.22 -12.00 2.24
PN NAP C . 17.30 -11.44 1.19
O1N NAP C . 17.59 -12.42 0.12
O2N NAP C . 18.42 -10.90 1.99
O5D NAP C . 16.47 -10.28 0.47
C5D NAP C . 16.24 -9.03 1.15
C4D NAP C . 15.18 -8.25 0.38
O4D NAP C . 15.71 -7.89 -0.86
C3D NAP C . 13.90 -9.02 0.12
O3D NAP C . 12.76 -8.27 0.36
C2D NAP C . 14.03 -9.40 -1.37
O2D NAP C . 12.77 -9.59 -2.05
C1D NAP C . 14.66 -8.27 -1.92
N1N NAP C . 15.45 -8.39 -3.15
C2N NAP C . 16.10 -9.56 -3.44
C3N NAP C . 16.84 -9.59 -4.61
C7N NAP C . 17.55 -10.87 -4.90
O7N NAP C . 17.44 -11.91 -4.23
N7N NAP C . 18.36 -10.85 -6.02
C4N NAP C . 16.98 -8.50 -5.41
C5N NAP C . 16.34 -7.33 -5.04
C6N NAP C . 15.55 -7.28 -3.90
P2B NAP C . 13.31 -16.59 8.67
O1X NAP C . 14.71 -17.01 8.95
O2X NAP C . 12.82 -17.03 7.36
O3X NAP C . 12.41 -16.93 9.81
C10 JBC D . 16.01 -8.71 -8.78
C14 JBC D . 17.16 -7.59 -10.54
C15 JBC D . 18.04 -7.62 -11.79
O16 JBC D . 18.49 -6.59 -12.39
C02 JBC D . 14.35 -14.71 -6.59
C03 JBC D . 14.14 -13.29 -6.12
C04 JBC D . 14.65 -12.25 -6.88
C05 JBC D . 14.39 -11.00 -6.41
C06 JBC D . 13.63 -10.82 -5.23
C07 JBC D . 13.14 -11.84 -4.47
C11 JBC D . 15.50 -7.49 -8.35
C12 JBC D . 15.83 -6.37 -9.04
C13 JBC D . 16.84 -8.76 -9.91
C18 JBC D . 16.68 -6.40 -10.14
C20 JBC D . 13.40 -13.10 -4.95
N08 JBC D . 14.84 -9.82 -7.12
N09 JBC D . 15.62 -9.89 -8.14
O01 JBC D . 14.80 -14.91 -7.78
O17 JBC D . 18.21 -8.79 -12.27
O19 JBC D . 17.05 -5.28 -10.86
O21 JBC D . 12.94 -14.22 -4.29
O22 JBC D . 13.98 -15.62 -5.79
S SO4 E . 19.10 -10.72 -18.29
O1 SO4 E . 20.53 -10.48 -18.15
O2 SO4 E . 18.44 -10.60 -17.00
O3 SO4 E . 18.50 -9.75 -19.21
O4 SO4 E . 18.92 -12.07 -18.84
S SO4 F . 34.76 0.57 5.83
O1 SO4 F . 34.58 2.02 5.85
O2 SO4 F . 36.14 0.25 6.18
O3 SO4 F . 34.44 0.12 4.47
O4 SO4 F . 33.91 -0.08 6.82
S SO4 G . 17.76 -10.07 25.47
O1 SO4 G . 18.71 -9.08 26.02
O2 SO4 G . 17.21 -10.89 26.55
O3 SO4 G . 16.65 -9.35 24.83
O4 SO4 G . 18.42 -11.06 24.59
PA NAP H . -9.49 3.45 3.21
O1A NAP H . -9.21 2.13 3.97
O2A NAP H . -8.41 4.54 3.22
O5B NAP H . -10.87 4.10 3.72
C5B NAP H . -11.97 3.26 4.10
C4B NAP H . -13.18 4.23 4.20
O4B NAP H . -14.28 3.48 4.51
C3B NAP H . -12.98 5.28 5.30
O3B NAP H . -13.61 6.48 5.02
C2B NAP H . -13.76 4.54 6.41
O2B NAP H . -14.15 5.44 7.54
C1B NAP H . -14.89 4.09 5.79
N9A NAP H . -15.54 3.02 6.52
C8A NAP H . -15.09 1.81 6.96
N7A NAP H . -16.03 1.23 7.73
C5A NAP H . -17.08 2.08 7.77
C6A NAP H . -18.29 1.98 8.41
N6A NAP H . -18.74 0.92 9.21
N1A NAP H . -19.22 2.97 8.30
C2A NAP H . -18.90 4.09 7.56
N3A NAP H . -17.68 4.23 6.91
C4A NAP H . -16.78 3.21 7.05
O3 NAP H . -9.90 3.12 1.66
PN NAP H . -8.96 3.18 0.35
O1N NAP H . -7.54 2.87 0.71
O2N NAP H . -9.16 4.47 -0.38
O5D NAP H . -9.54 1.93 -0.50
C5D NAP H . -10.83 2.05 -1.17
C4D NAP H . -11.24 0.62 -1.63
O4D NAP H . -10.31 0.20 -2.55
C3D NAP H . -11.24 -0.37 -0.47
O3D NAP H . -12.41 -1.16 -0.50
C2D NAP H . -9.96 -1.18 -0.80
O2D NAP H . -10.09 -2.56 -0.33
C1D NAP H . -9.87 -1.24 -2.15
N1N NAP H . -8.54 -1.34 -2.72
C2N NAP H . -7.40 -0.81 -2.16
C3N NAP H . -6.17 -0.99 -2.84
C7N NAP H . -4.90 -0.41 -2.29
O7N NAP H . -3.92 -0.37 -2.99
N7N NAP H . -4.95 0.16 -0.96
C4N NAP H . -6.13 -1.61 -4.05
C5N NAP H . -7.27 -2.12 -4.62
C6N NAP H . -8.49 -1.95 -3.94
P2B NAP H . -13.19 5.87 8.80
O1X NAP H . -12.28 6.98 8.35
O2X NAP H . -14.23 6.22 9.81
O3X NAP H . -12.31 4.66 9.15
C10 JBC I . -4.96 -4.87 -4.62
C14 JBC I . -2.87 -4.60 -5.69
C15 JBC I . -1.41 -4.14 -5.67
O16 JBC I . -0.90 -3.68 -4.59
C02 JBC I . -5.46 -3.16 2.33
C03 JBC I . -6.16 -3.70 1.11
C04 JBC I . -5.44 -3.76 -0.06
C05 JBC I . -6.03 -4.30 -1.19
C06 JBC I . -7.33 -4.79 -1.15
C07 JBC I . -8.05 -4.73 0.05
C11 JBC I . -5.51 -5.38 -5.79
C12 JBC I . -4.76 -5.51 -6.93
C13 JBC I . -3.64 -4.48 -4.54
C18 JBC I . -3.43 -5.07 -6.86
C20 JBC I . -7.47 -4.19 1.20
N08 JBC I . -5.24 -4.34 -2.40
N09 JBC I . -5.74 -4.79 -3.40
O01 JBC I . -4.43 -2.44 2.24
O17 JBC I . -0.78 -4.22 -6.78
O19 JBC I . -2.62 -5.18 -7.99
O21 JBC I . -8.16 -4.12 2.45
O22 JBC I . -5.92 -3.56 3.45
S SO4 J . 2.99 4.65 -5.13
O1 SO4 J . 2.52 6.02 -4.87
O2 SO4 J . 2.62 3.74 -4.04
O3 SO4 J . 4.46 4.73 -5.26
O4 SO4 J . 2.47 4.09 -6.40
S SO4 K . -20.80 19.14 -12.25
O1 SO4 K . -20.74 20.48 -12.82
O2 SO4 K . -21.23 19.19 -10.86
O3 SO4 K . -19.46 18.56 -12.39
O4 SO4 K . -21.78 18.34 -13.00
S SO4 L . -22.49 -15.54 -0.57
O1 SO4 L . -22.12 -14.77 0.62
O2 SO4 L . -21.45 -16.54 -0.82
O3 SO4 L . -22.65 -14.67 -1.74
O4 SO4 L . -23.76 -16.21 -0.31
#